data_1ME8
#
_entry.id   1ME8
#
_cell.length_a   154.745
_cell.length_b   154.745
_cell.length_c   154.745
_cell.angle_alpha   90.00
_cell.angle_beta   90.00
_cell.angle_gamma   90.00
#
_symmetry.space_group_name_H-M   'P 4 3 2'
#
loop_
_entity.id
_entity.type
_entity.pdbx_description
1 polymer "INOSINE-5'-MONOPHOSPHATE DEHYDROGENASE"
2 non-polymer 'POTASSIUM ION'
3 non-polymer 'SODIUM ION'
4 non-polymer 'RIBAVIRIN MONOPHOSPHATE'
5 water water
#
_entity_poly.entity_id   1
_entity_poly.type   'polypeptide(L)'
_entity_poly.pdbx_seq_one_letter_code
;MAKYYNEPCHTFNEYLLIPGLSTVDCIPSNVNLSTPLVKFQKGQQSEINLKIPLVSAIMQSVSGEKMAIALAREGGISFI
FGSQSIESQAAMVHAVKNFKAGFVVSDSNVKPDQTFADVLAISQRTTHNTVAVTDDGTPHGVLLGLVTQRDYPIDLTQTE
TKVSDMMTPFSKLVTAHQDTKLSEANKIIWEKKLNALPIIDDDQHLRYIVFRKDYDRSQVCHNELVDSQKRYLVGAGINT
RDFRERVPALVEAGADVLCIDSSDGFSEWQKITIGWIREKYGDKVKVGAGNIVDGEGFRYLADAGADFIKIGIGGGSI
(CSO)ITREQKGIGRGQATAVIDVVAERNKYFEETGIYIPVCSDGGIVYDYHMTLALAMGADFIMLGRYFARFEESPTRK
VTINGSVMKEYWGEGSSRARNWQRYDLGGKQKLSFEEGVDSYVPYAGKLKDNVEASLNKVKSTMCNCGALTIPQLQSKAK
ITLVSSVSIVEGGAHDVIVKDRINDYHPK
;
_entity_poly.pdbx_strand_id   A
#
loop_
_chem_comp.id
_chem_comp.type
_chem_comp.name
_chem_comp.formula
K non-polymer 'POTASSIUM ION' 'K 1'
NA non-polymer 'SODIUM ION' 'Na 1'
RVP non-polymer 'RIBAVIRIN MONOPHOSPHATE' 'C8 H13 N4 O8 P'
#
# COMPACT_ATOMS: atom_id res chain seq x y z
N ALA A 2 -16.33 22.49 16.84
CA ALA A 2 -15.42 21.52 16.18
C ALA A 2 -15.03 20.41 17.16
N LYS A 3 -14.50 19.32 16.62
CA LYS A 3 -14.07 18.19 17.44
C LYS A 3 -12.56 18.17 17.53
N TYR A 4 -12.04 17.99 18.73
CA TYR A 4 -10.60 17.95 18.96
C TYR A 4 -10.20 16.58 19.51
N TYR A 5 -8.90 16.33 19.60
CA TYR A 5 -8.40 15.05 20.09
C TYR A 5 -7.53 15.23 21.32
N ASN A 6 -7.42 14.18 22.13
CA ASN A 6 -6.63 14.22 23.34
C ASN A 6 -5.12 14.21 23.12
N GLU A 7 -4.69 13.59 22.03
CA GLU A 7 -3.27 13.50 21.72
C GLU A 7 -2.95 13.98 20.31
N PRO A 8 -1.72 14.48 20.09
CA PRO A 8 -1.34 14.95 18.76
C PRO A 8 -1.04 13.70 17.93
N CYS A 9 -1.06 13.81 16.61
CA CYS A 9 -0.76 12.64 15.79
C CYS A 9 0.76 12.48 15.63
N HIS A 10 1.19 11.25 15.36
CA HIS A 10 2.61 10.91 15.22
C HIS A 10 2.89 10.19 13.91
N THR A 11 4.14 10.27 13.46
CA THR A 11 4.57 9.62 12.21
C THR A 11 5.47 8.42 12.55
N PHE A 12 5.77 7.59 11.54
CA PHE A 12 6.61 6.42 11.74
C PHE A 12 7.99 6.71 12.34
N ASN A 13 8.60 7.82 11.98
CA ASN A 13 9.93 8.16 12.51
C ASN A 13 9.96 8.35 14.03
N GLU A 14 8.79 8.48 14.65
CA GLU A 14 8.72 8.67 16.09
C GLU A 14 8.60 7.38 16.88
N TYR A 15 8.64 6.24 16.19
CA TYR A 15 8.51 4.96 16.86
C TYR A 15 9.68 4.00 16.69
N LEU A 16 9.82 3.11 17.66
CA LEU A 16 10.84 2.07 17.62
C LEU A 16 10.19 0.82 18.19
N LEU A 17 10.72 -0.34 17.81
CA LEU A 17 10.21 -1.60 18.30
C LEU A 17 11.10 -2.11 19.44
N ILE A 18 10.49 -2.64 20.49
CA ILE A 18 11.23 -3.19 21.62
C ILE A 18 11.18 -4.72 21.45
N PRO A 19 12.35 -5.36 21.37
CA PRO A 19 12.41 -6.82 21.20
C PRO A 19 11.58 -7.65 22.18
N GLY A 20 11.14 -8.81 21.71
CA GLY A 20 10.38 -9.73 22.54
C GLY A 20 11.22 -10.99 22.59
N LEU A 21 10.66 -12.08 23.11
CA LEU A 21 11.43 -13.32 23.18
C LEU A 21 11.63 -13.94 21.80
N SER A 22 12.89 -14.13 21.41
CA SER A 22 13.21 -14.74 20.13
C SER A 22 13.51 -16.21 20.40
N THR A 23 12.76 -17.10 19.75
CA THR A 23 12.95 -18.53 19.93
C THR A 23 13.92 -19.09 18.90
N VAL A 24 14.40 -20.30 19.14
CA VAL A 24 15.35 -20.93 18.22
C VAL A 24 14.78 -21.18 16.83
N ASP A 25 13.46 -21.28 16.71
CA ASP A 25 12.87 -21.54 15.40
C ASP A 25 12.69 -20.29 14.54
N CYS A 26 12.97 -19.11 15.09
CA CYS A 26 12.80 -17.91 14.28
C CYS A 26 14.05 -17.41 13.61
N ILE A 27 14.18 -17.76 12.33
CA ILE A 27 15.29 -17.31 11.51
C ILE A 27 14.57 -16.70 10.33
N PRO A 28 15.15 -15.65 9.73
CA PRO A 28 14.56 -14.96 8.57
C PRO A 28 13.93 -15.86 7.51
N SER A 29 14.61 -16.95 7.17
CA SER A 29 14.13 -17.86 6.14
C SER A 29 12.85 -18.62 6.51
N ASN A 30 12.50 -18.65 7.78
CA ASN A 30 11.29 -19.35 8.19
C ASN A 30 10.12 -18.37 8.36
N VAL A 31 10.38 -17.08 8.18
CA VAL A 31 9.33 -16.08 8.32
C VAL A 31 8.41 -16.07 7.10
N ASN A 32 7.10 -16.12 7.36
CA ASN A 32 6.09 -16.11 6.30
C ASN A 32 5.50 -14.71 6.20
N LEU A 33 5.64 -14.09 5.04
CA LEU A 33 5.11 -12.73 4.85
C LEU A 33 3.79 -12.67 4.07
N SER A 34 3.06 -13.78 4.04
CA SER A 34 1.77 -13.79 3.34
C SER A 34 0.79 -12.89 4.06
N THR A 35 -0.15 -12.30 3.32
CA THR A 35 -1.13 -11.41 3.95
C THR A 35 -2.37 -11.28 3.07
N PRO A 36 -3.54 -11.13 3.69
CA PRO A 36 -4.81 -10.99 2.94
C PRO A 36 -4.94 -9.67 2.21
N LEU A 37 -5.53 -9.71 1.02
CA LEU A 37 -5.74 -8.52 0.22
C LEU A 37 -7.19 -8.06 0.24
N VAL A 38 -8.13 -9.01 0.28
CA VAL A 38 -9.54 -8.66 0.28
C VAL A 38 -10.31 -9.29 1.43
N LYS A 39 -11.39 -8.63 1.84
CA LYS A 39 -12.20 -9.08 2.96
C LYS A 39 -12.75 -10.49 2.90
N PHE A 40 -12.96 -11.06 4.08
CA PHE A 40 -13.51 -12.40 4.25
C PHE A 40 -14.20 -12.47 5.61
N GLN A 41 -14.93 -13.56 5.85
CA GLN A 41 -15.66 -13.75 7.10
C GLN A 41 -14.83 -14.53 8.11
N LYS A 42 -15.20 -14.42 9.38
CA LYS A 42 -14.52 -15.13 10.46
C LYS A 42 -14.45 -16.62 10.13
N GLY A 43 -13.27 -17.21 10.30
CA GLY A 43 -13.10 -18.63 10.01
C GLY A 43 -12.66 -18.93 8.58
N GLN A 44 -12.72 -17.94 7.72
CA GLN A 44 -12.31 -18.14 6.34
C GLN A 44 -10.92 -17.55 6.08
N GLN A 45 -10.46 -17.71 4.85
CA GLN A 45 -9.19 -17.16 4.40
C GLN A 45 -9.55 -16.24 3.24
N SER A 46 -8.73 -15.23 3.00
CA SER A 46 -9.01 -14.31 1.90
C SER A 46 -8.91 -15.03 0.56
N GLU A 47 -9.70 -14.60 -0.41
CA GLU A 47 -9.67 -15.20 -1.74
C GLU A 47 -8.36 -14.84 -2.44
N ILE A 48 -7.73 -13.76 -2.00
CA ILE A 48 -6.46 -13.33 -2.57
C ILE A 48 -5.47 -13.01 -1.46
N ASN A 49 -4.35 -13.72 -1.45
CA ASN A 49 -3.31 -13.50 -0.46
C ASN A 49 -2.01 -13.15 -1.14
N LEU A 50 -1.44 -12.00 -0.78
CA LEU A 50 -0.16 -11.59 -1.35
C LEU A 50 0.87 -12.49 -0.70
N LYS A 51 2.00 -12.71 -1.37
CA LYS A 51 3.08 -13.52 -0.80
C LYS A 51 4.05 -12.61 -0.05
N ILE A 52 4.01 -11.32 -0.38
CA ILE A 52 4.80 -10.31 0.32
C ILE A 52 3.83 -9.13 0.50
N PRO A 53 3.91 -8.43 1.64
CA PRO A 53 3.02 -7.30 1.96
C PRO A 53 3.26 -5.96 1.25
N LEU A 54 3.76 -5.99 0.02
CA LEU A 54 4.03 -4.74 -0.70
C LEU A 54 3.23 -4.63 -2.00
N VAL A 55 2.64 -3.45 -2.22
CA VAL A 55 1.91 -3.18 -3.46
C VAL A 55 2.39 -1.83 -3.97
N SER A 56 2.48 -1.67 -5.29
CA SER A 56 2.95 -0.41 -5.86
C SER A 56 1.81 0.58 -6.05
N ALA A 57 2.11 1.85 -5.79
CA ALA A 57 1.14 2.95 -5.87
C ALA A 57 0.44 3.10 -7.22
N ILE A 58 -0.77 3.66 -7.16
CA ILE A 58 -1.59 3.90 -8.36
C ILE A 58 -1.09 5.20 -8.96
N MET A 59 0.08 5.15 -9.59
CA MET A 59 0.70 6.33 -10.16
C MET A 59 1.35 6.10 -11.52
N GLN A 60 1.22 7.09 -12.39
CA GLN A 60 1.79 7.02 -13.74
C GLN A 60 3.29 6.75 -13.69
N SER A 61 3.97 7.33 -12.70
CA SER A 61 5.41 7.17 -12.59
C SER A 61 5.84 5.94 -11.81
N VAL A 62 4.91 5.04 -11.52
CA VAL A 62 5.24 3.85 -10.75
C VAL A 62 4.73 2.52 -11.29
N SER A 63 3.41 2.40 -11.41
CA SER A 63 2.81 1.14 -11.83
C SER A 63 2.41 0.95 -13.29
N GLY A 64 3.40 0.58 -14.10
CA GLY A 64 3.16 0.31 -15.50
C GLY A 64 3.17 -1.20 -15.65
N GLU A 65 3.14 -1.72 -16.88
CA GLU A 65 3.12 -3.16 -17.07
C GLU A 65 4.39 -3.85 -16.57
N LYS A 66 5.55 -3.24 -16.82
CA LYS A 66 6.82 -3.82 -16.39
C LYS A 66 6.87 -3.95 -14.87
N MET A 67 6.41 -2.91 -14.17
CA MET A 67 6.40 -2.93 -12.72
C MET A 67 5.50 -4.04 -12.21
N ALA A 68 4.29 -4.12 -12.77
CA ALA A 68 3.32 -5.13 -12.38
C ALA A 68 3.84 -6.55 -12.51
N ILE A 69 4.60 -6.80 -13.57
CA ILE A 69 5.16 -8.13 -13.79
C ILE A 69 6.29 -8.40 -12.81
N ALA A 70 7.17 -7.43 -12.65
CA ALA A 70 8.31 -7.56 -11.74
C ALA A 70 7.89 -7.77 -10.29
N LEU A 71 6.87 -7.05 -9.86
CA LEU A 71 6.40 -7.15 -8.48
C LEU A 71 5.62 -8.44 -8.25
N ALA A 72 4.77 -8.81 -9.20
CA ALA A 72 3.99 -10.04 -9.07
C ALA A 72 4.94 -11.23 -8.97
N ARG A 73 6.06 -11.14 -9.69
CA ARG A 73 7.06 -12.22 -9.69
C ARG A 73 7.65 -12.42 -8.30
N GLU A 74 7.70 -11.34 -7.51
CA GLU A 74 8.24 -11.43 -6.16
C GLU A 74 7.17 -11.67 -5.10
N GLY A 75 5.91 -11.74 -5.52
CA GLY A 75 4.85 -11.99 -4.57
C GLY A 75 3.91 -10.84 -4.23
N GLY A 76 4.19 -9.67 -4.78
CA GLY A 76 3.34 -8.52 -4.51
C GLY A 76 2.42 -8.24 -5.69
N ILE A 77 1.75 -7.09 -5.66
CA ILE A 77 0.85 -6.74 -6.75
C ILE A 77 0.91 -5.23 -7.05
N SER A 78 0.73 -4.88 -8.33
CA SER A 78 0.75 -3.49 -8.74
C SER A 78 -0.64 -3.05 -9.12
N PHE A 79 -0.93 -1.77 -8.91
CA PHE A 79 -2.23 -1.23 -9.28
C PHE A 79 -2.00 -0.28 -10.44
N ILE A 80 -2.17 -0.79 -11.65
CA ILE A 80 -1.98 -0.01 -12.88
C ILE A 80 -2.73 1.31 -12.76
N PHE A 81 -2.02 2.42 -13.01
CA PHE A 81 -2.65 3.73 -12.89
C PHE A 81 -3.86 3.93 -13.80
N GLY A 82 -4.85 4.66 -13.26
CA GLY A 82 -6.07 4.92 -14.00
C GLY A 82 -6.10 6.32 -14.59
N SER A 83 -5.02 7.07 -14.39
CA SER A 83 -4.91 8.42 -14.93
C SER A 83 -4.41 8.33 -16.37
N GLN A 84 -5.18 7.61 -17.17
CA GLN A 84 -4.90 7.41 -18.58
C GLN A 84 -6.22 6.94 -19.19
N SER A 85 -6.28 6.82 -20.52
CA SER A 85 -7.51 6.39 -21.17
C SER A 85 -7.90 4.99 -20.72
N ILE A 86 -9.20 4.70 -20.81
CA ILE A 86 -9.73 3.40 -20.42
C ILE A 86 -9.08 2.31 -21.29
N GLU A 87 -8.95 2.60 -22.57
CA GLU A 87 -8.35 1.65 -23.52
C GLU A 87 -6.88 1.38 -23.18
N SER A 88 -6.16 2.45 -22.86
CA SER A 88 -4.74 2.34 -22.53
C SER A 88 -4.49 1.56 -21.24
N GLN A 89 -5.33 1.76 -20.24
CA GLN A 89 -5.18 1.07 -18.97
C GLN A 89 -5.53 -0.41 -19.14
N ALA A 90 -6.61 -0.70 -19.84
CA ALA A 90 -7.03 -2.07 -20.06
C ALA A 90 -5.95 -2.84 -20.84
N ALA A 91 -5.25 -2.13 -21.73
CA ALA A 91 -4.20 -2.75 -22.51
C ALA A 91 -3.07 -3.23 -21.59
N MET A 92 -2.70 -2.41 -20.61
CA MET A 92 -1.63 -2.78 -19.69
C MET A 92 -2.04 -4.00 -18.86
N VAL A 93 -3.28 -3.99 -18.38
CA VAL A 93 -3.79 -5.10 -17.58
C VAL A 93 -3.75 -6.37 -18.43
N HIS A 94 -4.25 -6.27 -19.66
CA HIS A 94 -4.27 -7.42 -20.56
C HIS A 94 -2.86 -7.97 -20.78
N ALA A 95 -1.91 -7.06 -20.99
CA ALA A 95 -0.51 -7.45 -21.23
C ALA A 95 0.07 -8.21 -20.04
N VAL A 96 -0.28 -7.82 -18.83
CA VAL A 96 0.23 -8.49 -17.64
C VAL A 96 -0.41 -9.87 -17.50
N LYS A 97 -1.72 -9.93 -17.69
CA LYS A 97 -2.44 -11.19 -17.56
C LYS A 97 -2.04 -12.23 -18.63
N ASN A 98 -1.58 -11.76 -19.78
CA ASN A 98 -1.18 -12.68 -20.84
C ASN A 98 0.31 -12.65 -21.17
N PHE A 99 1.13 -12.34 -20.17
CA PHE A 99 2.57 -12.27 -20.36
C PHE A 99 3.23 -13.63 -20.61
N LYS A 100 2.67 -14.68 -20.00
CA LYS A 100 3.24 -16.02 -20.15
C LYS A 100 2.73 -16.75 -21.40
N ALA A 101 1.98 -16.05 -22.24
CA ALA A 101 1.45 -16.63 -23.47
C ALA A 101 2.58 -17.01 -24.43
N HIS A 222 9.04 -18.93 -7.52
CA HIS A 222 8.89 -19.40 -6.15
C HIS A 222 7.78 -18.65 -5.41
N ASN A 223 7.92 -17.33 -5.33
CA ASN A 223 6.93 -16.51 -4.64
C ASN A 223 6.06 -15.70 -5.60
N GLU A 224 5.93 -16.18 -6.83
CA GLU A 224 5.12 -15.46 -7.80
C GLU A 224 3.66 -15.46 -7.36
N LEU A 225 3.01 -14.32 -7.54
CA LEU A 225 1.60 -14.19 -7.18
C LEU A 225 0.80 -14.37 -8.47
N VAL A 226 0.07 -15.49 -8.54
CA VAL A 226 -0.71 -15.80 -9.73
C VAL A 226 -2.12 -16.28 -9.44
N ASP A 227 -2.93 -16.39 -10.49
CA ASP A 227 -4.29 -16.88 -10.37
C ASP A 227 -4.29 -18.40 -10.60
N SER A 228 -5.49 -18.99 -10.67
CA SER A 228 -5.63 -20.42 -10.88
C SER A 228 -5.06 -20.89 -12.22
N GLN A 229 -4.90 -19.95 -13.15
CA GLN A 229 -4.36 -20.23 -14.47
C GLN A 229 -2.86 -19.94 -14.55
N LYS A 230 -2.27 -19.67 -13.40
CA LYS A 230 -0.83 -19.38 -13.31
C LYS A 230 -0.42 -18.05 -13.93
N ARG A 231 -1.38 -17.15 -14.14
CA ARG A 231 -1.08 -15.84 -14.71
C ARG A 231 -0.86 -14.86 -13.55
N TYR A 232 0.06 -13.92 -13.74
CA TYR A 232 0.36 -12.94 -12.72
C TYR A 232 -0.88 -12.13 -12.35
N LEU A 233 -1.04 -11.84 -11.07
CA LEU A 233 -2.16 -11.03 -10.64
C LEU A 233 -1.81 -9.58 -10.86
N VAL A 234 -2.82 -8.76 -11.11
CA VAL A 234 -2.59 -7.34 -11.32
C VAL A 234 -3.84 -6.57 -10.89
N GLY A 235 -3.63 -5.37 -10.38
CA GLY A 235 -4.75 -4.56 -9.96
C GLY A 235 -4.82 -3.34 -10.86
N ALA A 236 -5.87 -2.55 -10.72
CA ALA A 236 -6.03 -1.35 -11.53
C ALA A 236 -6.80 -0.29 -10.75
N GLY A 237 -6.36 0.95 -10.85
CA GLY A 237 -7.03 2.04 -10.16
C GLY A 237 -8.19 2.56 -10.96
N ILE A 238 -9.24 3.02 -10.27
CA ILE A 238 -10.40 3.57 -10.94
C ILE A 238 -10.79 4.88 -10.24
N ASN A 239 -11.59 5.69 -10.91
CA ASN A 239 -12.04 6.94 -10.33
C ASN A 239 -13.55 6.90 -10.15
N THR A 240 -14.09 7.89 -9.44
CA THR A 240 -15.52 7.95 -9.18
C THR A 240 -16.32 8.61 -10.31
N ARG A 241 -15.66 8.85 -11.44
CA ARG A 241 -16.29 9.51 -12.58
C ARG A 241 -16.72 8.61 -13.73
N ASP A 242 -15.76 8.00 -14.40
CA ASP A 242 -16.05 7.13 -15.55
C ASP A 242 -16.04 5.63 -15.27
N PHE A 243 -16.35 5.24 -14.05
CA PHE A 243 -16.34 3.82 -13.68
C PHE A 243 -17.32 2.93 -14.44
N ARG A 244 -18.46 3.48 -14.84
CA ARG A 244 -19.45 2.71 -15.58
C ARG A 244 -18.88 2.16 -16.88
N GLU A 245 -17.89 2.86 -17.42
CA GLU A 245 -17.24 2.42 -18.66
C GLU A 245 -15.88 1.78 -18.37
N ARG A 246 -15.14 2.36 -17.44
CA ARG A 246 -13.80 1.85 -17.10
C ARG A 246 -13.81 0.48 -16.42
N VAL A 247 -14.71 0.28 -15.46
CA VAL A 247 -14.76 -1.00 -14.75
C VAL A 247 -14.99 -2.20 -15.67
N PRO A 248 -16.01 -2.13 -16.55
CA PRO A 248 -16.25 -3.26 -17.46
C PRO A 248 -15.03 -3.60 -18.30
N ALA A 249 -14.34 -2.58 -18.79
CA ALA A 249 -13.15 -2.78 -19.61
C ALA A 249 -12.03 -3.47 -18.84
N LEU A 250 -11.84 -3.06 -17.58
CA LEU A 250 -10.81 -3.63 -16.74
C LEU A 250 -11.14 -5.08 -16.39
N VAL A 251 -12.42 -5.36 -16.18
CA VAL A 251 -12.84 -6.72 -15.86
C VAL A 251 -12.58 -7.64 -17.05
N GLU A 252 -12.98 -7.19 -18.25
CA GLU A 252 -12.77 -7.99 -19.46
C GLU A 252 -11.29 -8.21 -19.70
N ALA A 253 -10.48 -7.18 -19.45
CA ALA A 253 -9.04 -7.28 -19.65
C ALA A 253 -8.41 -8.28 -18.67
N GLY A 254 -9.14 -8.61 -17.61
CA GLY A 254 -8.62 -9.57 -16.65
C GLY A 254 -8.13 -9.06 -15.31
N ALA A 255 -8.49 -7.82 -14.96
CA ALA A 255 -8.07 -7.26 -13.68
C ALA A 255 -8.52 -8.15 -12.53
N ASP A 256 -7.60 -8.43 -11.62
CA ASP A 256 -7.90 -9.28 -10.47
C ASP A 256 -8.51 -8.51 -9.30
N VAL A 257 -8.18 -7.22 -9.22
CA VAL A 257 -8.71 -6.39 -8.15
C VAL A 257 -8.65 -4.93 -8.60
N LEU A 258 -9.56 -4.12 -8.10
CA LEU A 258 -9.62 -2.71 -8.43
C LEU A 258 -9.46 -1.90 -7.15
N CYS A 259 -9.19 -0.61 -7.30
CA CYS A 259 -9.07 0.26 -6.13
C CYS A 259 -9.39 1.69 -6.54
N ILE A 260 -10.35 2.30 -5.85
CA ILE A 260 -10.71 3.68 -6.13
C ILE A 260 -9.55 4.54 -5.65
N ASP A 261 -9.04 5.38 -6.54
CA ASP A 261 -7.90 6.24 -6.28
C ASP A 261 -8.34 7.67 -5.92
N SER A 262 -8.16 8.05 -4.66
CA SER A 262 -8.55 9.39 -4.20
C SER A 262 -7.80 9.81 -2.93
N SER A 263 -7.62 11.12 -2.74
CA SER A 263 -6.92 11.61 -1.55
C SER A 263 -7.87 11.68 -0.35
N ASP A 264 -9.16 11.78 -0.60
CA ASP A 264 -10.16 11.81 0.47
C ASP A 264 -11.28 10.83 0.11
N GLY A 265 -11.14 9.59 0.58
CA GLY A 265 -12.12 8.57 0.32
C GLY A 265 -13.39 8.62 1.14
N PHE A 266 -13.45 9.54 2.11
CA PHE A 266 -14.64 9.68 2.96
C PHE A 266 -15.60 10.51 2.12
N SER A 267 -16.16 9.87 1.09
CA SER A 267 -17.04 10.53 0.14
C SER A 267 -18.20 9.65 -0.33
N GLU A 268 -19.36 10.29 -0.53
CA GLU A 268 -20.54 9.59 -1.00
C GLU A 268 -20.25 9.04 -2.40
N TRP A 269 -19.31 9.69 -3.10
CA TRP A 269 -18.95 9.24 -4.44
C TRP A 269 -18.37 7.84 -4.43
N GLN A 270 -17.60 7.50 -3.40
CA GLN A 270 -17.02 6.16 -3.33
C GLN A 270 -18.10 5.13 -2.99
N LYS A 271 -19.07 5.53 -2.17
CA LYS A 271 -20.16 4.63 -1.80
C LYS A 271 -20.95 4.31 -3.07
N ILE A 272 -21.21 5.32 -3.88
CA ILE A 272 -21.95 5.16 -5.13
C ILE A 272 -21.21 4.22 -6.08
N THR A 273 -19.91 4.45 -6.23
CA THR A 273 -19.08 3.63 -7.10
C THR A 273 -19.08 2.17 -6.68
N ILE A 274 -18.85 1.91 -5.39
CA ILE A 274 -18.84 0.54 -4.89
C ILE A 274 -20.22 -0.08 -5.07
N GLY A 275 -21.26 0.73 -4.84
CA GLY A 275 -22.62 0.24 -4.98
C GLY A 275 -22.93 -0.22 -6.39
N TRP A 276 -22.46 0.53 -7.38
CA TRP A 276 -22.70 0.20 -8.79
C TRP A 276 -22.00 -1.12 -9.12
N ILE A 277 -20.79 -1.30 -8.58
CA ILE A 277 -20.03 -2.51 -8.82
C ILE A 277 -20.72 -3.73 -8.21
N ARG A 278 -21.21 -3.58 -6.99
CA ARG A 278 -21.90 -4.68 -6.31
C ARG A 278 -23.18 -5.08 -7.03
N GLU A 279 -23.92 -4.09 -7.50
CA GLU A 279 -25.18 -4.32 -8.21
C GLU A 279 -24.97 -4.97 -9.57
N LYS A 280 -23.80 -4.74 -10.18
CA LYS A 280 -23.52 -5.28 -11.50
C LYS A 280 -22.71 -6.58 -11.46
N TYR A 281 -21.90 -6.75 -10.42
CA TYR A 281 -21.04 -7.93 -10.30
C TYR A 281 -21.13 -8.70 -9.00
N GLY A 282 -21.92 -8.20 -8.04
CA GLY A 282 -22.00 -8.88 -6.77
C GLY A 282 -20.63 -8.83 -6.11
N ASP A 283 -20.27 -9.89 -5.39
CA ASP A 283 -18.98 -9.93 -4.70
C ASP A 283 -17.88 -10.59 -5.54
N LYS A 284 -18.12 -10.75 -6.85
CA LYS A 284 -17.14 -11.38 -7.73
C LYS A 284 -16.04 -10.41 -8.17
N VAL A 285 -16.33 -9.11 -8.10
CA VAL A 285 -15.34 -8.12 -8.47
C VAL A 285 -14.91 -7.44 -7.19
N LYS A 286 -13.61 -7.49 -6.91
CA LYS A 286 -13.05 -6.91 -5.68
C LYS A 286 -12.63 -5.47 -5.90
N VAL A 287 -12.97 -4.61 -4.93
CA VAL A 287 -12.64 -3.20 -5.05
C VAL A 287 -12.24 -2.55 -3.74
N GLY A 288 -11.03 -2.00 -3.70
CA GLY A 288 -10.55 -1.32 -2.50
C GLY A 288 -11.02 0.12 -2.58
N ALA A 289 -11.02 0.82 -1.45
CA ALA A 289 -11.45 2.21 -1.40
C ALA A 289 -10.56 3.00 -0.45
N GLY A 290 -10.64 4.33 -0.55
CA GLY A 290 -9.83 5.18 0.31
C GLY A 290 -9.48 6.47 -0.41
N ASN A 291 -8.64 7.31 0.18
CA ASN A 291 -8.02 7.05 1.47
C ASN A 291 -8.73 7.70 2.64
N ILE A 292 -8.62 7.07 3.81
CA ILE A 292 -9.20 7.60 5.03
C ILE A 292 -8.12 7.59 6.12
N VAL A 293 -8.35 8.29 7.22
CA VAL A 293 -7.35 8.33 8.28
C VAL A 293 -7.87 8.13 9.68
N ASP A 294 -9.15 7.78 9.81
CA ASP A 294 -9.71 7.53 11.12
C ASP A 294 -10.81 6.46 11.11
N GLY A 295 -11.28 6.12 12.31
CA GLY A 295 -12.29 5.10 12.44
C GLY A 295 -13.59 5.38 11.69
N GLU A 296 -14.03 6.64 11.73
CA GLU A 296 -15.26 7.01 11.04
C GLU A 296 -15.18 6.78 9.54
N GLY A 297 -14.06 7.20 8.94
CA GLY A 297 -13.88 7.02 7.51
C GLY A 297 -13.83 5.54 7.17
N PHE A 298 -13.16 4.76 8.00
CA PHE A 298 -13.07 3.32 7.79
C PHE A 298 -14.46 2.69 7.79
N ARG A 299 -15.23 2.99 8.84
CA ARG A 299 -16.56 2.43 8.99
C ARG A 299 -17.47 2.79 7.82
N TYR A 300 -17.36 4.02 7.32
CA TYR A 300 -18.20 4.44 6.21
C TYR A 300 -17.91 3.59 4.96
N LEU A 301 -16.63 3.38 4.66
CA LEU A 301 -16.27 2.59 3.49
C LEU A 301 -16.50 1.10 3.72
N ALA A 302 -16.43 0.67 4.97
CA ALA A 302 -16.66 -0.74 5.30
C ALA A 302 -18.13 -1.04 5.04
N ASP A 303 -19.02 -0.20 5.56
CA ASP A 303 -20.44 -0.38 5.37
C ASP A 303 -20.80 -0.24 3.89
N ALA A 304 -20.03 0.55 3.16
CA ALA A 304 -20.27 0.76 1.73
C ALA A 304 -19.93 -0.49 0.91
N GLY A 305 -19.16 -1.40 1.51
CA GLY A 305 -18.80 -2.64 0.82
C GLY A 305 -17.38 -2.80 0.31
N ALA A 306 -16.49 -1.89 0.66
CA ALA A 306 -15.10 -1.97 0.21
C ALA A 306 -14.46 -3.32 0.59
N ASP A 307 -13.65 -3.88 -0.30
CA ASP A 307 -12.97 -5.16 -0.04
C ASP A 307 -11.70 -4.97 0.77
N PHE A 308 -11.14 -3.76 0.71
CA PHE A 308 -9.98 -3.40 1.51
C PHE A 308 -9.98 -1.89 1.56
N ILE A 309 -9.44 -1.33 2.65
CA ILE A 309 -9.45 0.11 2.80
C ILE A 309 -8.05 0.69 2.95
N LYS A 310 -7.77 1.72 2.15
CA LYS A 310 -6.45 2.35 2.14
C LYS A 310 -6.38 3.52 3.12
N ILE A 311 -5.29 3.56 3.88
CA ILE A 311 -5.05 4.57 4.91
C ILE A 311 -3.94 5.55 4.57
N GLY A 312 -4.22 6.84 4.73
CA GLY A 312 -3.17 7.81 4.50
C GLY A 312 -3.50 9.05 3.71
N ILE A 313 -3.27 10.20 4.34
CA ILE A 313 -3.48 11.49 3.70
C ILE A 313 -2.40 12.44 4.20
N GLY A 314 -1.56 12.91 3.28
CA GLY A 314 -0.52 13.86 3.64
C GLY A 314 0.88 13.27 3.83
N GLY A 315 0.95 11.95 4.04
CA GLY A 315 2.23 11.31 4.27
C GLY A 315 3.12 11.05 3.07
N GLY A 316 2.53 11.03 1.88
CA GLY A 316 3.30 10.80 0.66
C GLY A 316 4.53 11.68 0.54
N SER A 317 5.60 11.12 -0.03
CA SER A 317 6.85 11.85 -0.21
C SER A 317 6.71 13.05 -1.13
N ILE A 318 5.78 12.97 -2.07
CA ILE A 318 5.56 14.07 -3.02
C ILE A 318 4.25 14.79 -2.75
N CSO A 319 3.82 14.79 -1.49
CA CSO A 319 2.60 15.46 -1.08
CB CSO A 319 1.62 14.44 -0.49
SG CSO A 319 -0.12 15.00 -0.45
C CSO A 319 2.93 16.51 -0.02
O CSO A 319 3.35 16.17 1.08
OD CSO A 319 -0.41 16.59 0.36
N ILE A 320 2.72 17.78 -0.36
CA ILE A 320 3.02 18.86 0.58
C ILE A 320 1.72 19.42 1.17
N THR A 321 1.22 18.73 2.21
CA THR A 321 -0.03 19.09 2.88
C THR A 321 -0.20 20.59 3.13
N ARG A 322 0.71 21.18 3.89
CA ARG A 322 0.65 22.59 4.23
C ARG A 322 0.44 23.54 3.05
N GLU A 323 1.21 23.35 1.97
CA GLU A 323 1.06 24.22 0.81
C GLU A 323 -0.19 23.88 0.02
N GLN A 324 -1.08 23.09 0.60
CA GLN A 324 -2.31 22.70 -0.07
C GLN A 324 -3.57 22.98 0.75
N LYS A 325 -4.25 21.94 1.19
CA LYS A 325 -5.48 22.10 1.96
C LYS A 325 -5.32 22.01 3.47
N GLY A 326 -4.19 21.48 3.92
CA GLY A 326 -4.01 21.35 5.35
C GLY A 326 -4.85 20.22 5.93
N ILE A 327 -5.05 19.18 5.13
CA ILE A 327 -5.81 18.02 5.58
C ILE A 327 -4.82 16.87 5.73
N GLY A 328 -5.02 16.03 6.72
CA GLY A 328 -4.10 14.92 6.90
C GLY A 328 -3.99 14.46 8.34
N ARG A 329 -3.08 13.53 8.57
CA ARG A 329 -2.86 13.00 9.91
C ARG A 329 -1.58 12.19 9.86
N GLY A 330 -0.81 12.22 10.95
CA GLY A 330 0.42 11.45 10.99
C GLY A 330 0.06 10.02 10.60
N GLN A 331 0.86 9.40 9.74
CA GLN A 331 0.56 8.05 9.26
C GLN A 331 0.45 6.99 10.35
N ALA A 332 1.34 7.05 11.35
CA ALA A 332 1.28 6.06 12.43
C ALA A 332 -0.04 6.13 13.18
N THR A 333 -0.43 7.33 13.58
CA THR A 333 -1.67 7.51 14.30
C THR A 333 -2.87 7.07 13.46
N ALA A 334 -2.82 7.38 12.17
CA ALA A 334 -3.90 7.01 11.25
C ALA A 334 -4.06 5.49 11.19
N VAL A 335 -2.95 4.77 11.03
CA VAL A 335 -3.00 3.32 10.96
C VAL A 335 -3.52 2.73 12.28
N ILE A 336 -2.94 3.17 13.38
CA ILE A 336 -3.34 2.67 14.70
C ILE A 336 -4.84 2.86 14.95
N ASP A 337 -5.33 4.05 14.61
CA ASP A 337 -6.74 4.35 14.83
C ASP A 337 -7.64 3.50 13.93
N VAL A 338 -7.31 3.45 12.63
CA VAL A 338 -8.11 2.68 11.70
C VAL A 338 -8.12 1.19 12.06
N VAL A 339 -6.96 0.67 12.42
CA VAL A 339 -6.85 -0.74 12.79
C VAL A 339 -7.73 -1.06 14.00
N ALA A 340 -7.79 -0.15 14.97
CA ALA A 340 -8.61 -0.37 16.15
C ALA A 340 -10.07 -0.47 15.72
N GLU A 341 -10.48 0.41 14.81
CA GLU A 341 -11.85 0.41 14.33
C GLU A 341 -12.14 -0.83 13.50
N ARG A 342 -11.15 -1.25 12.72
CA ARG A 342 -11.28 -2.44 11.88
C ARG A 342 -11.46 -3.69 12.75
N ASN A 343 -10.72 -3.75 13.85
CA ASN A 343 -10.83 -4.90 14.76
C ASN A 343 -12.18 -4.90 15.47
N LYS A 344 -12.68 -3.70 15.79
CA LYS A 344 -13.96 -3.55 16.45
C LYS A 344 -15.04 -4.01 15.46
N TYR A 345 -14.89 -3.58 14.20
CA TYR A 345 -15.82 -3.94 13.15
C TYR A 345 -15.88 -5.45 12.97
N PHE A 346 -14.71 -6.09 12.96
CA PHE A 346 -14.62 -7.54 12.80
C PHE A 346 -15.38 -8.25 13.92
N GLU A 347 -15.21 -7.78 15.15
CA GLU A 347 -15.87 -8.38 16.29
C GLU A 347 -17.39 -8.19 16.25
N GLU A 348 -17.84 -7.09 15.66
CA GLU A 348 -19.26 -6.80 15.56
C GLU A 348 -19.97 -7.55 14.43
N THR A 349 -19.31 -7.63 13.28
CA THR A 349 -19.91 -8.24 12.10
C THR A 349 -19.33 -9.57 11.62
N GLY A 350 -18.16 -9.94 12.14
CA GLY A 350 -17.55 -11.18 11.70
C GLY A 350 -16.83 -10.98 10.38
N ILE A 351 -16.80 -9.74 9.89
CA ILE A 351 -16.15 -9.42 8.63
C ILE A 351 -14.76 -8.81 8.86
N TYR A 352 -13.73 -9.41 8.29
CA TYR A 352 -12.38 -8.89 8.43
C TYR A 352 -12.01 -8.15 7.16
N ILE A 353 -11.76 -6.86 7.29
CA ILE A 353 -11.38 -6.03 6.14
C ILE A 353 -9.92 -5.64 6.20
N PRO A 354 -9.11 -6.14 5.25
CA PRO A 354 -7.68 -5.81 5.23
C PRO A 354 -7.50 -4.31 5.01
N VAL A 355 -6.49 -3.73 5.64
CA VAL A 355 -6.22 -2.30 5.46
C VAL A 355 -4.81 -2.13 4.93
N CYS A 356 -4.63 -1.07 4.15
CA CYS A 356 -3.35 -0.78 3.53
C CYS A 356 -2.78 0.54 4.02
N SER A 357 -1.52 0.52 4.47
CA SER A 357 -0.87 1.75 4.90
C SER A 357 -0.27 2.31 3.62
N ASP A 358 -0.79 3.43 3.17
CA ASP A 358 -0.35 4.06 1.93
C ASP A 358 0.42 5.36 2.13
N GLY A 359 1.71 5.34 1.81
CA GLY A 359 2.55 6.52 1.92
C GLY A 359 3.27 6.70 3.25
N GLY A 360 4.31 7.52 3.24
CA GLY A 360 5.06 7.79 4.45
C GLY A 360 6.20 6.84 4.77
N ILE A 361 6.43 5.84 3.95
CA ILE A 361 7.52 4.90 4.20
C ILE A 361 8.83 5.53 3.73
N VAL A 362 9.72 5.82 4.67
CA VAL A 362 11.00 6.43 4.34
C VAL A 362 12.13 5.40 4.46
N TYR A 363 12.08 4.61 5.54
CA TYR A 363 13.09 3.58 5.79
C TYR A 363 12.46 2.19 5.83
N ASP A 364 13.28 1.17 5.61
CA ASP A 364 12.78 -0.20 5.65
C ASP A 364 12.05 -0.53 6.95
N TYR A 365 12.57 -0.06 8.09
CA TYR A 365 11.93 -0.39 9.36
C TYR A 365 10.52 0.20 9.48
N HIS A 366 10.22 1.21 8.67
CA HIS A 366 8.88 1.79 8.69
C HIS A 366 7.90 0.73 8.18
N MET A 367 8.39 -0.18 7.33
CA MET A 367 7.53 -1.24 6.81
C MET A 367 7.13 -2.14 7.98
N THR A 368 8.13 -2.53 8.77
CA THR A 368 7.91 -3.38 9.92
C THR A 368 6.93 -2.71 10.89
N LEU A 369 7.13 -1.41 11.13
CA LEU A 369 6.25 -0.66 12.03
C LEU A 369 4.80 -0.63 11.54
N ALA A 370 4.62 -0.33 10.26
CA ALA A 370 3.28 -0.26 9.68
C ALA A 370 2.55 -1.59 9.86
N LEU A 371 3.26 -2.67 9.57
CA LEU A 371 2.67 -4.01 9.71
C LEU A 371 2.40 -4.31 11.18
N ALA A 372 3.35 -3.98 12.05
CA ALA A 372 3.19 -4.25 13.47
C ALA A 372 2.00 -3.47 14.03
N MET A 373 1.78 -2.27 13.50
CA MET A 373 0.66 -1.46 13.98
C MET A 373 -0.69 -1.99 13.50
N GLY A 374 -0.67 -2.99 12.61
CA GLY A 374 -1.93 -3.55 12.16
C GLY A 374 -2.24 -3.54 10.67
N ALA A 375 -1.45 -2.82 9.88
CA ALA A 375 -1.70 -2.80 8.44
C ALA A 375 -1.40 -4.19 7.86
N ASP A 376 -2.28 -4.65 6.98
CA ASP A 376 -2.09 -5.97 6.36
C ASP A 376 -1.06 -5.86 5.23
N PHE A 377 -1.09 -4.75 4.50
CA PHE A 377 -0.10 -4.53 3.46
C PHE A 377 0.25 -3.06 3.32
N ILE A 378 1.28 -2.79 2.54
CA ILE A 378 1.79 -1.44 2.37
C ILE A 378 1.83 -0.98 0.92
N MET A 379 1.41 0.24 0.65
CA MET A 379 1.47 0.77 -0.71
C MET A 379 2.60 1.79 -0.73
N LEU A 380 3.46 1.70 -1.73
CA LEU A 380 4.60 2.61 -1.85
C LEU A 380 4.75 3.16 -3.26
N GLY A 381 5.18 4.42 -3.34
CA GLY A 381 5.40 5.05 -4.63
C GLY A 381 6.89 5.26 -4.88
N ARG A 382 7.48 6.17 -4.13
CA ARG A 382 8.90 6.50 -4.24
C ARG A 382 9.80 5.27 -4.23
N TYR A 383 9.54 4.36 -3.29
CA TYR A 383 10.31 3.14 -3.15
C TYR A 383 10.46 2.38 -4.47
N PHE A 384 9.34 2.23 -5.19
CA PHE A 384 9.34 1.51 -6.45
C PHE A 384 9.79 2.34 -7.65
N ALA A 385 9.59 3.65 -7.59
CA ALA A 385 9.97 4.54 -8.69
C ALA A 385 11.47 4.47 -8.98
N ARG A 386 12.26 4.16 -7.95
CA ARG A 386 13.71 4.08 -8.08
C ARG A 386 14.18 2.87 -8.90
N PHE A 387 13.28 1.93 -9.16
CA PHE A 387 13.67 0.73 -9.89
C PHE A 387 13.63 0.81 -11.42
N GLU A 388 14.43 -0.05 -12.03
CA GLU A 388 14.55 -0.14 -13.47
C GLU A 388 13.19 -0.37 -14.13
N GLU A 389 12.34 -1.14 -13.46
CA GLU A 389 11.03 -1.46 -14.00
C GLU A 389 9.97 -0.36 -13.95
N SER A 390 10.25 0.75 -13.27
CA SER A 390 9.27 1.83 -13.24
C SER A 390 9.22 2.38 -14.67
N PRO A 391 8.04 2.84 -15.12
CA PRO A 391 7.85 3.38 -16.48
C PRO A 391 8.49 4.73 -16.82
N THR A 392 9.19 5.33 -15.86
CA THR A 392 9.80 6.63 -16.11
C THR A 392 11.17 6.52 -16.76
N ARG A 393 11.69 7.66 -17.21
CA ARG A 393 13.00 7.69 -17.86
C ARG A 393 14.14 7.71 -16.87
N LYS A 394 15.18 6.96 -17.19
CA LYS A 394 16.37 6.90 -16.37
C LYS A 394 17.28 8.00 -16.91
N VAL A 395 17.49 9.04 -16.13
CA VAL A 395 18.33 10.14 -16.57
C VAL A 395 19.58 10.30 -15.71
N THR A 396 20.71 10.60 -16.35
CA THR A 396 21.97 10.79 -15.64
C THR A 396 22.25 12.26 -15.41
N ILE A 397 22.26 12.66 -14.14
CA ILE A 397 22.52 14.04 -13.75
C ILE A 397 23.84 14.15 -12.98
N ASN A 398 24.75 14.96 -13.51
CA ASN A 398 26.06 15.19 -12.89
C ASN A 398 26.71 13.94 -12.29
N GLY A 399 26.71 12.85 -13.05
CA GLY A 399 27.31 11.62 -12.58
C GLY A 399 26.39 10.69 -11.80
N SER A 400 25.19 11.17 -11.47
CA SER A 400 24.24 10.37 -10.72
C SER A 400 23.03 9.97 -11.55
N VAL A 401 22.81 8.66 -11.66
CA VAL A 401 21.69 8.13 -12.41
C VAL A 401 20.42 8.27 -11.57
N MET A 402 19.45 9.01 -12.09
CA MET A 402 18.19 9.22 -11.38
C MET A 402 17.02 8.72 -12.20
N LYS A 403 15.85 8.70 -11.57
CA LYS A 403 14.62 8.30 -12.23
C LYS A 403 13.59 9.38 -11.92
N GLU A 404 12.74 9.70 -12.89
CA GLU A 404 11.74 10.73 -12.68
C GLU A 404 10.66 10.21 -11.75
N TYR A 405 10.10 11.11 -10.95
CA TYR A 405 9.03 10.73 -10.03
C TYR A 405 8.15 11.94 -9.78
N TRP A 406 6.88 11.82 -10.16
CA TRP A 406 5.94 12.91 -9.97
C TRP A 406 4.63 12.40 -9.38
N GLY A 407 4.00 13.24 -8.57
CA GLY A 407 2.73 12.86 -7.95
C GLY A 407 1.57 12.95 -8.90
N GLU A 408 0.47 12.28 -8.56
CA GLU A 408 -0.73 12.31 -9.39
C GLU A 408 -1.42 13.66 -9.32
N GLY A 409 -1.01 14.48 -8.35
CA GLY A 409 -1.60 15.79 -8.19
C GLY A 409 -0.85 16.88 -8.92
N SER A 410 0.28 16.54 -9.52
CA SER A 410 1.08 17.52 -10.25
C SER A 410 0.41 17.80 -11.60
N SER A 411 0.59 19.02 -12.11
CA SER A 411 0.00 19.38 -13.39
C SER A 411 0.49 18.42 -14.46
N ARG A 412 1.72 17.96 -14.30
CA ARG A 412 2.34 17.03 -15.25
C ARG A 412 1.58 15.70 -15.37
N ALA A 413 0.63 15.46 -14.48
CA ALA A 413 -0.12 14.20 -14.50
C ALA A 413 -1.65 14.30 -14.54
N ARG A 414 -2.22 14.98 -13.55
CA ARG A 414 -3.68 15.11 -13.45
C ARG A 414 -4.38 15.62 -14.70
N ASN A 415 -3.60 16.12 -15.66
CA ASN A 415 -4.14 16.65 -16.91
C ASN A 415 -3.73 15.75 -18.07
N TRP A 416 -4.51 14.70 -18.34
CA TRP A 416 -4.19 13.77 -19.41
C TRP A 416 -5.20 13.82 -20.56
N GLU A 431 -0.65 21.19 -6.59
CA GLU A 431 -1.32 20.11 -5.87
C GLU A 431 -0.38 18.92 -5.70
N GLY A 432 0.67 18.88 -6.50
CA GLY A 432 1.64 17.80 -6.43
C GLY A 432 3.01 18.32 -6.84
N VAL A 433 4.03 17.49 -6.67
CA VAL A 433 5.38 17.90 -7.04
C VAL A 433 6.07 16.95 -8.01
N ASP A 434 6.98 17.51 -8.80
CA ASP A 434 7.75 16.75 -9.80
C ASP A 434 9.18 16.65 -9.29
N SER A 435 9.76 15.46 -9.33
CA SER A 435 11.12 15.30 -8.81
C SER A 435 11.92 14.13 -9.38
N TYR A 436 13.05 13.85 -8.73
CA TYR A 436 13.94 12.76 -9.13
C TYR A 436 14.26 11.90 -7.91
N VAL A 437 14.49 10.61 -8.15
CA VAL A 437 14.85 9.67 -7.09
C VAL A 437 16.08 8.90 -7.55
N PRO A 438 17.01 8.63 -6.63
CA PRO A 438 18.22 7.88 -7.00
C PRO A 438 17.93 6.50 -7.55
N TYR A 439 18.58 6.16 -8.66
CA TYR A 439 18.41 4.87 -9.29
C TYR A 439 18.88 3.79 -8.31
N ALA A 440 18.07 2.75 -8.15
CA ALA A 440 18.41 1.68 -7.22
C ALA A 440 18.65 0.35 -7.93
N GLY A 441 18.39 0.32 -9.22
CA GLY A 441 18.59 -0.90 -9.97
C GLY A 441 17.32 -1.72 -10.11
N LYS A 442 17.47 -3.03 -10.23
CA LYS A 442 16.35 -3.95 -10.36
C LYS A 442 15.52 -4.08 -9.09
N LEU A 443 14.20 -4.25 -9.27
CA LEU A 443 13.28 -4.39 -8.14
C LEU A 443 13.62 -5.59 -7.26
N LYS A 444 13.82 -6.75 -7.89
CA LYS A 444 14.12 -8.00 -7.18
C LYS A 444 15.11 -7.90 -6.02
N ASP A 445 16.34 -7.48 -6.31
CA ASP A 445 17.40 -7.38 -5.30
C ASP A 445 17.10 -6.42 -4.17
N ASN A 446 16.43 -5.32 -4.48
CA ASN A 446 16.11 -4.31 -3.48
C ASN A 446 14.99 -4.81 -2.55
N VAL A 447 13.98 -5.44 -3.13
CA VAL A 447 12.87 -5.97 -2.33
C VAL A 447 13.38 -7.06 -1.40
N GLU A 448 14.23 -7.94 -1.92
CA GLU A 448 14.79 -9.03 -1.12
C GLU A 448 15.54 -8.44 0.08
N ALA A 449 16.35 -7.43 -0.15
CA ALA A 449 17.12 -6.79 0.91
C ALA A 449 16.20 -6.17 1.96
N SER A 450 15.21 -5.41 1.50
CA SER A 450 14.27 -4.77 2.40
C SER A 450 13.53 -5.78 3.26
N LEU A 451 12.94 -6.80 2.62
CA LEU A 451 12.18 -7.81 3.33
C LEU A 451 13.03 -8.70 4.23
N ASN A 452 14.32 -8.85 3.91
CA ASN A 452 15.19 -9.66 4.76
C ASN A 452 15.34 -8.92 6.10
N LYS A 453 15.40 -7.59 6.04
CA LYS A 453 15.52 -6.78 7.24
C LYS A 453 14.22 -6.85 8.04
N VAL A 454 13.09 -6.82 7.34
CA VAL A 454 11.79 -6.91 7.98
C VAL A 454 11.70 -8.26 8.71
N LYS A 455 12.06 -9.34 8.02
CA LYS A 455 12.02 -10.67 8.60
C LYS A 455 12.92 -10.79 9.82
N SER A 456 14.10 -10.21 9.74
CA SER A 456 15.04 -10.27 10.85
C SER A 456 14.46 -9.55 12.06
N THR A 457 13.86 -8.38 11.83
CA THR A 457 13.25 -7.60 12.90
C THR A 457 12.08 -8.37 13.49
N MET A 458 11.31 -9.04 12.64
CA MET A 458 10.18 -9.82 13.13
C MET A 458 10.67 -10.89 14.10
N CYS A 459 11.80 -11.53 13.77
CA CYS A 459 12.35 -12.54 14.67
C CYS A 459 12.80 -11.93 15.99
N ASN A 460 13.28 -10.69 15.96
CA ASN A 460 13.70 -10.01 17.19
C ASN A 460 12.45 -9.85 18.06
N CYS A 461 11.32 -9.61 17.42
CA CYS A 461 10.05 -9.43 18.11
C CYS A 461 9.32 -10.74 18.41
N GLY A 462 9.93 -11.86 18.05
CA GLY A 462 9.32 -13.16 18.30
C GLY A 462 8.16 -13.52 17.39
N ALA A 463 8.18 -13.02 16.17
CA ALA A 463 7.08 -13.26 15.24
C ALA A 463 7.53 -13.96 13.95
N LEU A 464 6.81 -15.03 13.60
CA LEU A 464 7.12 -15.79 12.39
C LEU A 464 6.16 -15.43 11.26
N THR A 465 5.10 -14.68 11.59
CA THR A 465 4.12 -14.27 10.60
C THR A 465 3.67 -12.84 10.92
N ILE A 466 2.99 -12.22 9.97
CA ILE A 466 2.52 -10.85 10.19
C ILE A 466 1.45 -10.81 11.28
N PRO A 467 0.49 -11.75 11.29
CA PRO A 467 -0.52 -11.71 12.35
C PRO A 467 0.13 -11.87 13.73
N GLN A 468 1.17 -12.69 13.82
CA GLN A 468 1.84 -12.88 15.08
C GLN A 468 2.58 -11.60 15.48
N LEU A 469 3.12 -10.89 14.50
CA LEU A 469 3.82 -9.63 14.77
C LEU A 469 2.82 -8.59 15.28
N GLN A 470 1.63 -8.57 14.68
CA GLN A 470 0.61 -7.61 15.07
C GLN A 470 0.11 -7.87 16.48
N SER A 471 0.20 -9.12 16.91
CA SER A 471 -0.23 -9.49 18.24
C SER A 471 0.85 -9.27 19.30
N LYS A 472 2.10 -9.57 18.96
CA LYS A 472 3.20 -9.46 19.92
C LYS A 472 4.07 -8.22 19.93
N ALA A 473 4.00 -7.41 18.88
CA ALA A 473 4.84 -6.22 18.80
C ALA A 473 4.71 -5.28 20.00
N LYS A 474 5.86 -4.77 20.45
CA LYS A 474 5.93 -3.83 21.55
C LYS A 474 6.45 -2.56 20.87
N ILE A 475 5.62 -1.53 20.84
CA ILE A 475 5.96 -0.31 20.12
C ILE A 475 6.01 0.94 20.98
N THR A 476 7.18 1.58 21.04
CA THR A 476 7.33 2.78 21.84
C THR A 476 7.51 4.04 21.03
N LEU A 477 7.01 5.14 21.57
CA LEU A 477 7.15 6.45 20.95
C LEU A 477 8.50 6.93 21.46
N VAL A 478 9.22 7.74 20.69
CA VAL A 478 10.50 8.26 21.13
C VAL A 478 10.40 9.76 21.36
N SER A 479 11.12 10.27 22.35
CA SER A 479 11.09 11.69 22.70
C SER A 479 11.41 12.66 21.58
N SER A 480 10.75 13.81 21.62
CA SER A 480 10.96 14.87 20.65
C SER A 480 12.38 15.39 20.78
N VAL A 481 12.86 15.42 22.03
CA VAL A 481 14.19 15.90 22.35
C VAL A 481 15.28 14.89 22.03
N SER A 482 14.93 13.82 21.31
CA SER A 482 15.90 12.79 20.99
C SER A 482 15.89 12.36 19.52
N ILE A 483 16.14 11.06 19.31
CA ILE A 483 16.21 10.43 17.98
C ILE A 483 17.68 10.49 17.54
N VAL A 484 18.40 11.46 18.08
CA VAL A 484 19.81 11.65 17.77
C VAL A 484 20.63 10.47 18.27
N GLU A 485 20.30 9.97 19.47
CA GLU A 485 21.01 8.84 20.05
C GLU A 485 20.86 7.61 19.17
N GLY A 486 19.73 7.54 18.47
CA GLY A 486 19.44 6.41 17.60
C GLY A 486 20.38 6.26 16.42
N GLY A 487 20.78 7.39 15.84
CA GLY A 487 21.69 7.34 14.70
C GLY A 487 23.14 7.45 15.13
N ALA A 488 24.05 7.51 14.16
CA ALA A 488 25.48 7.63 14.47
C ALA A 488 25.72 9.01 15.07
N HIS A 489 26.47 9.07 16.16
CA HIS A 489 26.74 10.34 16.81
C HIS A 489 28.11 10.45 17.47
N ASP A 490 28.67 11.65 17.44
CA ASP A 490 29.97 11.94 18.04
C ASP A 490 31.12 11.14 17.44
N VAL A 491 31.01 10.82 16.16
CA VAL A 491 32.04 10.08 15.45
C VAL A 491 32.08 10.57 14.00
N ILE A 492 33.28 10.61 13.44
CA ILE A 492 33.47 11.05 12.06
C ILE A 492 33.49 9.83 11.13
K K B . -14.60 13.89 3.01
NA NA C . 4.18 14.77 2.60
P RVP D . 5.31 7.59 -1.23
O1P RVP D . 6.03 8.16 -2.39
O2P RVP D . 5.49 6.11 -1.21
O3P RVP D . 5.79 8.21 0.11
O5' RVP D . 3.74 7.89 -1.21
C5' RVP D . 2.96 7.47 -2.32
C4' RVP D . 1.51 7.79 -2.12
O4' RVP D . 1.41 9.25 -2.15
C3' RVP D . 0.47 7.34 -3.14
O3' RVP D . 0.14 5.97 -3.07
C2' RVP D . -0.67 8.28 -2.87
O2' RVP D . -1.53 7.85 -1.81
C1' RVP D . 0.07 9.59 -2.58
N9 RVP D . 0.21 10.50 -3.78
C8 RVP D . 0.38 10.27 -5.14
N7 RVP D . 0.44 11.37 -5.83
C5 RVP D . 0.29 12.38 -4.94
C6 RVP D . 0.29 13.82 -5.12
O6 RVP D . 0.42 14.43 -6.17
N1 RVP D . 0.11 14.58 -3.91
N4 RVP D . 0.14 11.88 -3.65
#